data_1U31
#
_entry.id   1U31
#
_cell.length_a   57.814
_cell.length_b   57.814
_cell.length_c   250.934
_cell.angle_alpha   90.00
_cell.angle_beta   90.00
_cell.angle_gamma   90.00
#
_symmetry.space_group_name_H-M   'P 41 2 2'
#
loop_
_entity.id
_entity.type
_entity.pdbx_description
1 polymer 'NAD(P) transhydrogenase, mitochondrial'
2 non-polymer 'SULFATE ION'
3 non-polymer 'NADPH DIHYDRO-NICOTINAMIDE-ADENINE-DINUCLEOTIDE PHOSPHATE'
4 non-polymer GLYCEROL
5 water water
#
_entity_poly.entity_id   1
_entity_poly.type   'polypeptide(L)'
_entity_poly.pdbx_seq_one_letter_code
;MNRSLANVILGGYGTTSTAGGKPMEISGTHTEINLDNAIDMIREANSIIITPGYGLCAAKAQYPIADLVKMLTEQGKKVR
FGIHPVAGRMPGQLNVLLAEAGVPYDIVLEMDEINHDFPDTDLVLVIGANDTVNSAAQEDPNSIIAGMPVLEVWKSKQVI
VMKRSLGVGYAAVDNPIFYKPNTAMLLGDAKKTCDALQAKVRESYQK
;
_entity_poly.pdbx_strand_id   A,B
#
# COMPACT_ATOMS: atom_id res chain seq x y z
N PRO A 23 4.43 23.86 28.51
CA PRO A 23 3.04 23.43 28.62
C PRO A 23 2.57 22.79 27.31
N MET A 24 2.82 21.49 27.19
CA MET A 24 2.42 20.73 26.00
C MET A 24 1.67 19.48 26.40
N GLU A 25 0.67 19.11 25.59
CA GLU A 25 -0.08 17.88 25.79
C GLU A 25 -0.51 17.25 24.47
N ILE A 26 -0.57 15.93 24.46
CA ILE A 26 -1.08 15.17 23.32
C ILE A 26 -1.95 14.02 23.82
N SER A 27 -3.08 13.79 23.15
CA SER A 27 -4.01 12.74 23.55
C SER A 27 -4.11 11.63 22.52
N GLY A 28 -4.41 10.42 23.00
CA GLY A 28 -4.63 9.26 22.15
C GLY A 28 -5.84 8.49 22.64
N THR A 29 -6.76 8.20 21.71
CA THR A 29 -7.98 7.48 22.04
C THR A 29 -7.98 6.09 21.43
N HIS A 30 -8.11 5.08 22.27
CA HIS A 30 -8.26 3.70 21.84
C HIS A 30 -9.62 3.17 22.28
N THR A 31 -10.05 2.07 21.69
CA THR A 31 -11.30 1.42 22.09
C THR A 31 -11.04 0.01 22.62
N GLU A 32 -11.77 -0.36 23.66
CA GLU A 32 -11.69 -1.71 24.22
C GLU A 32 -13.01 -2.44 24.03
N ILE A 33 -12.92 -3.72 23.68
CA ILE A 33 -14.10 -4.56 23.50
C ILE A 33 -14.10 -5.70 24.51
N ASN A 34 -15.28 -6.29 24.74
CA ASN A 34 -15.39 -7.47 25.58
C ASN A 34 -15.36 -8.76 24.77
N LEU A 35 -15.34 -9.90 25.46
CA LEU A 35 -15.28 -11.22 24.82
C LEU A 35 -16.46 -11.47 23.88
N ASP A 36 -17.66 -11.10 24.32
CA ASP A 36 -18.88 -11.26 23.51
C ASP A 36 -18.83 -10.48 22.21
N ASN A 37 -18.31 -9.26 22.27
CA ASN A 37 -18.10 -8.42 21.08
C ASN A 37 -17.08 -9.06 20.14
N ALA A 38 -15.99 -9.56 20.71
CA ALA A 38 -14.96 -10.28 19.96
C ALA A 38 -15.55 -11.52 19.27
N ILE A 39 -16.40 -12.24 20.00
CA ILE A 39 -17.13 -13.40 19.46
C ILE A 39 -18.02 -12.99 18.29
N ASP A 40 -18.70 -11.84 18.43
CA ASP A 40 -19.55 -11.30 17.37
C ASP A 40 -18.75 -10.97 16.11
N MET A 41 -17.62 -10.29 16.30
CA MET A 41 -16.71 -9.93 15.20
C MET A 41 -16.15 -11.18 14.50
N ILE A 42 -15.82 -12.20 15.29
CA ILE A 42 -15.29 -13.46 14.77
C ILE A 42 -16.32 -14.21 13.92
N ARG A 43 -17.52 -14.40 14.46
CA ARG A 43 -18.61 -15.09 13.76
C ARG A 43 -19.16 -14.28 12.58
N GLU A 44 -19.02 -12.96 12.67
CA GLU A 44 -19.40 -12.03 11.60
C GLU A 44 -18.41 -12.10 10.42
N ALA A 45 -17.17 -12.47 10.72
CA ALA A 45 -16.10 -12.52 9.71
C ALA A 45 -16.09 -13.81 8.91
N ASN A 46 -15.70 -13.71 7.63
CA ASN A 46 -15.57 -14.86 6.76
C ASN A 46 -14.11 -15.19 6.44
N SER A 47 -13.27 -14.15 6.39
CA SER A 47 -11.83 -14.30 6.22
C SER A 47 -11.10 -13.74 7.44
N ILE A 48 -10.26 -14.58 8.05
CA ILE A 48 -9.52 -14.19 9.25
C ILE A 48 -8.01 -14.45 9.09
N ILE A 49 -7.21 -13.43 9.40
CA ILE A 49 -5.76 -13.57 9.49
C ILE A 49 -5.31 -13.39 10.94
N ILE A 50 -4.50 -14.33 11.42
CA ILE A 50 -3.94 -14.23 12.76
C ILE A 50 -2.45 -13.91 12.68
N THR A 51 -2.04 -12.83 13.36
CA THR A 51 -0.63 -12.45 13.42
C THR A 51 -0.10 -12.62 14.85
N PRO A 52 0.50 -13.80 15.13
CA PRO A 52 1.04 -14.04 16.46
C PRO A 52 2.44 -13.45 16.64
N GLY A 53 2.78 -13.11 17.88
CA GLY A 53 4.09 -12.55 18.20
C GLY A 53 4.63 -13.11 19.49
N TYR A 54 5.57 -12.38 20.09
CA TYR A 54 6.21 -12.79 21.34
C TYR A 54 5.22 -13.02 22.49
N GLY A 55 4.16 -12.21 22.53
CA GLY A 55 3.14 -12.32 23.57
C GLY A 55 2.46 -13.68 23.61
N LEU A 56 2.24 -14.27 22.44
CA LEU A 56 1.68 -15.61 22.33
C LEU A 56 2.68 -16.66 22.82
N CYS A 57 3.97 -16.43 22.55
CA CYS A 57 5.04 -17.30 23.03
C CYS A 57 5.14 -17.28 24.55
N ALA A 58 5.14 -16.07 25.11
CA ALA A 58 5.23 -15.87 26.56
C ALA A 58 4.07 -16.54 27.31
N ALA A 59 2.86 -16.41 26.78
CA ALA A 59 1.65 -16.95 27.41
C ALA A 59 1.39 -18.41 27.08
N LYS A 60 2.13 -18.95 26.10
CA LYS A 60 1.95 -20.33 25.61
C LYS A 60 0.53 -20.52 25.09
N ALA A 61 0.12 -19.60 24.21
CA ALA A 61 -1.28 -19.53 23.75
C ALA A 61 -1.53 -20.20 22.39
N GLN A 62 -0.55 -20.94 21.89
CA GLN A 62 -0.64 -21.62 20.60
C GLN A 62 -1.77 -22.64 20.56
N TYR A 63 -2.01 -23.31 21.69
CA TYR A 63 -2.98 -24.38 21.79
C TYR A 63 -4.44 -23.91 21.68
N PRO A 64 -4.86 -22.96 22.56
CA PRO A 64 -6.23 -22.46 22.45
C PRO A 64 -6.56 -21.81 21.10
N ILE A 65 -5.59 -21.11 20.51
CA ILE A 65 -5.79 -20.50 19.19
C ILE A 65 -5.83 -21.56 18.06
N ALA A 66 -5.03 -22.62 18.20
CA ALA A 66 -5.04 -23.73 17.24
C ALA A 66 -6.40 -24.42 17.21
N ASP A 67 -6.95 -24.68 18.40
CA ASP A 67 -8.26 -25.30 18.55
C ASP A 67 -9.38 -24.38 18.07
N LEU A 68 -9.23 -23.09 18.32
CA LEU A 68 -10.17 -22.08 17.84
C LEU A 68 -10.20 -22.04 16.31
N VAL A 69 -9.01 -21.97 15.71
CA VAL A 69 -8.85 -21.99 14.26
C VAL A 69 -9.50 -23.22 13.64
N LYS A 70 -9.24 -24.38 14.26
CA LYS A 70 -9.81 -25.66 13.83
C LYS A 70 -11.33 -25.60 13.73
N MET A 71 -11.97 -25.09 14.79
CA MET A 71 -13.43 -24.97 14.84
C MET A 71 -13.96 -23.99 13.81
N LEU A 72 -13.32 -22.82 13.70
CA LEU A 72 -13.72 -21.79 12.74
C LEU A 72 -13.58 -22.28 11.30
N THR A 73 -12.54 -23.08 11.05
CA THR A 73 -12.33 -23.71 9.75
C THR A 73 -13.45 -24.71 9.42
N GLU A 74 -13.88 -25.46 10.43
CA GLU A 74 -14.98 -26.43 10.29
C GLU A 74 -16.31 -25.75 10.01
N GLN A 75 -16.40 -24.46 10.29
CA GLN A 75 -17.62 -23.68 10.05
C GLN A 75 -17.59 -22.99 8.69
N GLY A 76 -16.52 -23.22 7.93
CA GLY A 76 -16.40 -22.69 6.57
C GLY A 76 -15.63 -21.38 6.46
N LYS A 77 -15.07 -20.92 7.57
CA LYS A 77 -14.29 -19.68 7.59
C LYS A 77 -12.88 -19.89 7.04
N LYS A 78 -12.35 -18.87 6.38
CA LYS A 78 -10.98 -18.87 5.90
C LYS A 78 -10.05 -18.32 7.00
N VAL A 79 -9.42 -19.23 7.73
CA VAL A 79 -8.57 -18.85 8.85
C VAL A 79 -7.11 -19.23 8.58
N ARG A 80 -6.23 -18.23 8.59
CA ARG A 80 -4.81 -18.42 8.34
C ARG A 80 -3.96 -17.63 9.33
N PHE A 81 -2.68 -18.01 9.44
CA PHE A 81 -1.72 -17.29 10.24
C PHE A 81 -0.75 -16.51 9.36
N GLY A 82 -0.38 -15.31 9.79
CA GLY A 82 0.62 -14.49 9.12
C GLY A 82 1.84 -14.31 10.00
N ILE A 83 2.96 -14.88 9.58
CA ILE A 83 4.18 -14.87 10.40
C ILE A 83 5.23 -13.87 9.87
N HIS A 84 5.56 -12.91 10.72
CA HIS A 84 6.64 -11.96 10.45
C HIS A 84 7.97 -12.70 10.60
N PRO A 85 8.94 -12.44 9.69
CA PRO A 85 10.25 -13.11 9.75
C PRO A 85 10.98 -12.94 11.08
N VAL A 86 10.63 -11.88 11.82
CA VAL A 86 11.28 -11.59 13.09
C VAL A 86 10.29 -11.53 14.26
N ALA A 87 9.16 -12.21 14.10
CA ALA A 87 8.17 -12.37 15.17
C ALA A 87 8.74 -13.25 16.29
N GLY A 88 8.39 -12.92 17.53
CA GLY A 88 8.93 -13.61 18.70
C GLY A 88 10.34 -13.16 19.00
N ARG A 89 11.16 -14.09 19.50
CA ARG A 89 12.54 -13.78 19.88
C ARG A 89 13.58 -14.55 19.06
N MET A 90 13.12 -15.57 18.33
CA MET A 90 13.96 -16.36 17.44
C MET A 90 13.32 -16.39 16.04
N PRO A 91 14.14 -16.44 14.98
CA PRO A 91 13.56 -16.57 13.64
C PRO A 91 12.89 -17.94 13.46
N GLY A 92 11.63 -17.93 13.07
CA GLY A 92 10.85 -19.16 12.88
C GLY A 92 10.28 -19.75 14.15
N GLN A 93 10.40 -19.01 15.26
CA GLN A 93 9.90 -19.46 16.57
C GLN A 93 8.39 -19.71 16.59
N LEU A 94 7.64 -18.80 15.97
CA LEU A 94 6.18 -18.93 15.90
C LEU A 94 5.75 -20.15 15.09
N ASN A 95 6.47 -20.41 13.99
CA ASN A 95 6.24 -21.60 13.17
C ASN A 95 6.37 -22.89 13.98
N VAL A 96 7.37 -22.94 14.84
CA VAL A 96 7.64 -24.10 15.70
C VAL A 96 6.51 -24.31 16.70
N LEU A 97 6.14 -23.23 17.40
CA LEU A 97 5.12 -23.27 18.44
C LEU A 97 3.73 -23.61 17.89
N LEU A 98 3.38 -23.04 16.75
CA LEU A 98 2.11 -23.33 16.09
C LEU A 98 2.03 -24.79 15.61
N ALA A 99 3.15 -25.30 15.09
CA ALA A 99 3.24 -26.70 14.67
C ALA A 99 3.17 -27.66 15.86
N GLU A 100 3.74 -27.24 16.99
CA GLU A 100 3.66 -27.99 18.25
C GLU A 100 2.21 -28.11 18.72
N ALA A 101 1.40 -27.10 18.41
CA ALA A 101 -0.03 -27.08 18.74
C ALA A 101 -0.88 -27.81 17.70
N GLY A 102 -0.25 -28.23 16.60
CA GLY A 102 -0.92 -29.00 15.57
C GLY A 102 -1.63 -28.17 14.52
N VAL A 103 -1.24 -26.90 14.40
CA VAL A 103 -1.77 -26.03 13.34
C VAL A 103 -1.26 -26.56 11.99
N PRO A 104 -2.18 -26.88 11.06
CA PRO A 104 -1.80 -27.37 9.74
C PRO A 104 -0.83 -26.41 9.05
N TYR A 105 0.23 -26.95 8.45
CA TYR A 105 1.27 -26.16 7.80
C TYR A 105 0.74 -25.32 6.63
N ASP A 106 -0.30 -25.82 5.97
CA ASP A 106 -0.91 -25.16 4.80
C ASP A 106 -1.50 -23.78 5.12
N ILE A 107 -1.91 -23.57 6.36
CA ILE A 107 -2.51 -22.30 6.78
C ILE A 107 -1.54 -21.39 7.56
N VAL A 108 -0.29 -21.82 7.66
CA VAL A 108 0.77 -21.00 8.27
C VAL A 108 1.62 -20.39 7.17
N LEU A 109 1.38 -19.10 6.90
CA LEU A 109 2.03 -18.39 5.80
C LEU A 109 3.01 -17.34 6.32
N GLU A 110 4.05 -17.09 5.53
CA GLU A 110 5.05 -16.07 5.86
C GLU A 110 4.54 -14.69 5.45
N MET A 111 5.16 -13.65 6.01
CA MET A 111 4.77 -12.26 5.75
C MET A 111 4.66 -11.94 4.25
N ASP A 112 5.71 -12.25 3.50
CA ASP A 112 5.79 -11.91 2.07
C ASP A 112 4.70 -12.57 1.20
N GLU A 113 4.17 -13.71 1.66
CA GLU A 113 3.11 -14.41 0.93
C GLU A 113 1.70 -13.92 1.30
N ILE A 114 1.51 -13.57 2.57
CA ILE A 114 0.19 -13.25 3.10
C ILE A 114 -0.12 -11.74 3.16
N ASN A 115 0.93 -10.93 3.12
CA ASN A 115 0.81 -9.49 3.32
C ASN A 115 -0.08 -8.77 2.32
N HIS A 116 -0.13 -9.28 1.09
CA HIS A 116 -0.95 -8.69 0.02
C HIS A 116 -2.45 -8.94 0.22
N ASP A 117 -2.78 -9.91 1.06
CA ASP A 117 -4.17 -10.31 1.32
C ASP A 117 -4.88 -9.46 2.38
N PHE A 118 -4.13 -8.63 3.11
CA PHE A 118 -4.69 -7.82 4.20
C PHE A 118 -5.87 -6.91 3.81
N PRO A 119 -5.73 -6.13 2.72
CA PRO A 119 -6.85 -5.28 2.28
C PRO A 119 -8.15 -6.04 1.95
N ASP A 120 -8.03 -7.34 1.68
CA ASP A 120 -9.18 -8.18 1.32
C ASP A 120 -9.65 -9.09 2.46
N THR A 121 -9.24 -8.78 3.69
CA THR A 121 -9.57 -9.62 4.84
C THR A 121 -10.53 -8.93 5.82
N ASP A 122 -11.52 -9.69 6.30
CA ASP A 122 -12.53 -9.19 7.22
C ASP A 122 -11.98 -8.88 8.60
N LEU A 123 -11.26 -9.84 9.19
CA LEU A 123 -10.80 -9.71 10.57
C LEU A 123 -9.37 -10.18 10.76
N VAL A 124 -8.58 -9.37 11.45
CA VAL A 124 -7.23 -9.73 11.85
C VAL A 124 -7.15 -9.80 13.37
N LEU A 125 -6.73 -10.95 13.87
CA LEU A 125 -6.49 -11.14 15.30
C LEU A 125 -5.00 -11.03 15.57
N VAL A 126 -4.59 -9.89 16.12
CA VAL A 126 -3.20 -9.65 16.51
C VAL A 126 -3.03 -10.18 17.92
N ILE A 127 -2.35 -11.32 18.05
CA ILE A 127 -2.19 -11.98 19.35
C ILE A 127 -0.76 -11.92 19.85
N GLY A 128 -0.53 -11.01 20.80
CA GLY A 128 0.78 -10.83 21.40
C GLY A 128 1.84 -10.31 20.45
N ALA A 129 1.41 -9.53 19.46
CA ALA A 129 2.33 -8.91 18.49
C ALA A 129 2.20 -7.39 18.56
N ASN A 130 3.28 -6.70 18.25
CA ASN A 130 3.30 -5.24 18.30
C ASN A 130 4.21 -4.63 17.25
N ASP A 131 5.53 -4.75 17.44
CA ASP A 131 6.52 -4.21 16.51
C ASP A 131 6.30 -4.73 15.09
N THR A 132 6.01 -6.03 15.00
CA THR A 132 5.76 -6.70 13.71
C THR A 132 4.51 -6.20 12.99
N VAL A 133 3.66 -5.46 13.70
CA VAL A 133 2.42 -4.92 13.13
C VAL A 133 2.31 -3.40 13.33
N ASN A 134 3.45 -2.76 13.55
CA ASN A 134 3.52 -1.34 13.85
C ASN A 134 3.49 -0.47 12.60
N SER A 135 2.40 0.28 12.42
CA SER A 135 2.19 1.12 11.24
C SER A 135 3.09 2.37 11.18
N ALA A 136 3.71 2.72 12.31
CA ALA A 136 4.64 3.85 12.35
C ALA A 136 5.83 3.65 11.42
N ALA A 137 6.14 2.38 11.14
CA ALA A 137 7.18 2.00 10.20
C ALA A 137 6.94 2.58 8.80
N GLN A 138 5.67 2.83 8.47
CA GLN A 138 5.28 3.40 7.19
C GLN A 138 4.71 4.82 7.31
N GLU A 139 4.24 5.18 8.51
CA GLU A 139 3.52 6.43 8.73
C GLU A 139 4.39 7.55 9.32
N ASP A 140 5.36 7.17 10.15
CA ASP A 140 6.25 8.12 10.80
C ASP A 140 7.63 8.07 10.14
N PRO A 141 7.98 9.12 9.36
CA PRO A 141 9.29 9.21 8.72
C PRO A 141 10.43 9.39 9.71
N ASN A 142 10.11 9.84 10.92
CA ASN A 142 11.09 10.03 11.97
C ASN A 142 11.15 8.89 12.99
N SER A 143 10.40 7.82 12.71
CA SER A 143 10.38 6.63 13.55
C SER A 143 11.73 5.91 13.52
N ILE A 144 12.08 5.26 14.64
CA ILE A 144 13.31 4.46 14.71
C ILE A 144 13.15 3.14 13.96
N ILE A 145 11.91 2.82 13.58
CA ILE A 145 11.61 1.62 12.80
C ILE A 145 11.03 1.97 11.43
N ALA A 146 11.19 3.23 11.02
CA ALA A 146 10.73 3.70 9.71
C ALA A 146 11.44 2.96 8.59
N GLY A 147 10.65 2.36 7.71
CA GLY A 147 11.17 1.58 6.60
C GLY A 147 11.15 0.08 6.82
N MET A 148 11.20 -0.34 8.08
CA MET A 148 11.18 -1.75 8.45
C MET A 148 9.87 -2.41 8.00
N PRO A 149 9.97 -3.56 7.30
CA PRO A 149 8.78 -4.26 6.82
C PRO A 149 7.91 -4.79 7.96
N VAL A 150 6.60 -4.57 7.85
CA VAL A 150 5.64 -5.02 8.86
C VAL A 150 4.43 -5.69 8.21
N LEU A 151 3.72 -6.51 8.99
CA LEU A 151 2.45 -7.06 8.57
C LEU A 151 1.41 -5.94 8.58
N GLU A 152 0.86 -5.66 7.41
CA GLU A 152 -0.02 -4.50 7.22
C GLU A 152 -1.46 -4.79 7.66
N VAL A 153 -1.61 -5.05 8.96
CA VAL A 153 -2.88 -5.48 9.54
C VAL A 153 -3.98 -4.42 9.49
N TRP A 154 -3.57 -3.15 9.55
CA TRP A 154 -4.49 -2.02 9.60
C TRP A 154 -5.31 -1.82 8.33
N LYS A 155 -4.92 -2.51 7.26
CA LYS A 155 -5.60 -2.41 5.97
C LYS A 155 -6.85 -3.28 5.90
N SER A 156 -6.99 -4.21 6.85
CA SER A 156 -8.16 -5.07 6.92
C SER A 156 -9.38 -4.32 7.43
N LYS A 157 -10.56 -4.92 7.28
CA LYS A 157 -11.81 -4.32 7.72
C LYS A 157 -11.81 -4.06 9.23
N GLN A 158 -11.48 -5.10 10.00
CA GLN A 158 -11.49 -5.02 11.47
C GLN A 158 -10.25 -5.69 12.06
N VAL A 159 -9.64 -5.01 13.03
CA VAL A 159 -8.47 -5.52 13.74
C VAL A 159 -8.80 -5.66 15.23
N ILE A 160 -8.49 -6.83 15.79
CA ILE A 160 -8.57 -7.06 17.23
C ILE A 160 -7.17 -7.32 17.77
N VAL A 161 -6.70 -6.41 18.62
CA VAL A 161 -5.36 -6.52 19.21
C VAL A 161 -5.43 -7.13 20.60
N MET A 162 -4.88 -8.33 20.71
CA MET A 162 -4.91 -9.10 21.95
C MET A 162 -3.57 -9.07 22.67
N LYS A 163 -3.47 -8.17 23.65
CA LYS A 163 -2.31 -8.07 24.53
C LYS A 163 -2.79 -7.55 25.89
N ARG A 164 -1.89 -7.45 26.86
CA ARG A 164 -2.29 -7.09 28.22
C ARG A 164 -2.69 -5.63 28.39
N SER A 165 -2.17 -4.76 27.52
CA SER A 165 -2.48 -3.32 27.53
C SER A 165 -1.95 -2.60 26.29
N LEU A 166 -1.75 -1.29 26.40
CA LEU A 166 -1.22 -0.49 25.30
C LEU A 166 0.29 -0.26 25.43
N GLY A 167 0.95 -1.13 26.19
CA GLY A 167 2.39 -1.04 26.41
C GLY A 167 3.20 -1.37 25.18
N VAL A 168 4.47 -1.00 25.22
CA VAL A 168 5.37 -1.14 24.07
C VAL A 168 5.87 -2.57 23.93
N GLY A 169 6.55 -2.84 22.81
CA GLY A 169 7.22 -4.11 22.59
C GLY A 169 8.73 -3.95 22.70
N TYR A 170 9.46 -4.85 22.05
CA TYR A 170 10.93 -4.86 22.09
C TYR A 170 11.55 -3.55 21.60
N ALA A 171 11.01 -3.00 20.51
CA ALA A 171 11.53 -1.75 19.94
C ALA A 171 11.23 -0.53 20.79
N ALA A 172 10.48 -0.72 21.88
CA ALA A 172 10.11 0.33 22.85
C ALA A 172 9.50 1.55 22.16
N VAL A 173 8.54 1.30 21.28
CA VAL A 173 7.93 2.35 20.47
C VAL A 173 6.40 2.23 20.48
N ASP A 174 5.73 3.39 20.46
CA ASP A 174 4.27 3.45 20.39
C ASP A 174 3.78 2.91 19.05
N ASN A 175 2.65 2.21 19.09
CA ASN A 175 2.04 1.66 17.89
C ASN A 175 0.75 2.42 17.54
N PRO A 176 0.78 3.17 16.42
CA PRO A 176 -0.37 3.95 15.95
C PRO A 176 -1.63 3.13 15.64
N ILE A 177 -1.50 1.83 15.44
CA ILE A 177 -2.67 0.98 15.15
C ILE A 177 -3.64 0.91 16.33
N PHE A 178 -3.14 1.15 17.55
CA PHE A 178 -3.97 1.10 18.76
C PHE A 178 -5.07 2.17 18.75
N TYR A 179 -4.87 3.22 17.96
CA TYR A 179 -5.75 4.39 17.95
C TYR A 179 -6.48 4.55 16.62
N LYS A 180 -6.33 3.56 15.76
CA LYS A 180 -7.03 3.53 14.47
C LYS A 180 -8.49 3.14 14.65
N PRO A 181 -9.40 3.78 13.89
CA PRO A 181 -10.84 3.50 13.97
C PRO A 181 -11.19 2.02 13.83
N ASN A 182 -10.52 1.32 12.92
CA ASN A 182 -10.82 -0.09 12.67
C ASN A 182 -10.09 -1.08 13.61
N THR A 183 -9.51 -0.55 14.69
CA THR A 183 -8.82 -1.38 15.67
C THR A 183 -9.53 -1.38 17.03
N ALA A 184 -9.77 -2.57 17.56
CA ALA A 184 -10.30 -2.75 18.90
C ALA A 184 -9.31 -3.51 19.77
N MET A 185 -9.12 -3.04 21.00
CA MET A 185 -8.22 -3.69 21.94
C MET A 185 -8.98 -4.72 22.79
N LEU A 186 -8.46 -5.96 22.81
CA LEU A 186 -8.99 -7.00 23.68
C LEU A 186 -7.94 -7.35 24.72
N LEU A 187 -8.04 -6.72 25.88
CA LEU A 187 -6.96 -6.69 26.86
C LEU A 187 -6.94 -7.85 27.83
N GLY A 188 -5.75 -8.39 28.04
CA GLY A 188 -5.55 -9.52 28.94
C GLY A 188 -4.46 -10.46 28.44
N ASP A 189 -4.10 -11.42 29.28
CA ASP A 189 -3.13 -12.46 28.91
C ASP A 189 -3.61 -13.22 27.68
N ALA A 190 -2.69 -13.46 26.75
CA ALA A 190 -2.98 -14.10 25.47
C ALA A 190 -3.61 -15.47 25.62
N LYS A 191 -3.08 -16.28 26.54
CA LYS A 191 -3.62 -17.60 26.81
C LYS A 191 -5.02 -17.52 27.41
N LYS A 192 -5.18 -16.64 28.41
CA LYS A 192 -6.47 -16.45 29.08
C LYS A 192 -7.56 -16.01 28.12
N THR A 193 -7.23 -15.04 27.26
CA THR A 193 -8.17 -14.54 26.26
C THR A 193 -8.51 -15.61 25.21
N CYS A 194 -7.49 -16.29 24.70
CA CYS A 194 -7.70 -17.35 23.70
C CYS A 194 -8.46 -18.56 24.26
N ASP A 195 -8.26 -18.87 25.53
CA ASP A 195 -9.04 -19.91 26.22
C ASP A 195 -10.52 -19.56 26.25
N ALA A 196 -10.81 -18.30 26.60
CA ALA A 196 -12.17 -17.80 26.72
C ALA A 196 -12.89 -17.74 25.37
N LEU A 197 -12.18 -17.26 24.34
CA LEU A 197 -12.72 -17.23 22.97
C LEU A 197 -12.92 -18.64 22.44
N GLN A 198 -12.02 -19.55 22.80
CA GLN A 198 -12.12 -20.96 22.43
C GLN A 198 -13.34 -21.62 23.09
N ALA A 199 -13.60 -21.28 24.35
CA ALA A 199 -14.71 -21.84 25.10
C ALA A 199 -16.08 -21.35 24.61
N LYS A 200 -16.16 -20.06 24.29
CA LYS A 200 -17.40 -19.44 23.82
C LYS A 200 -17.81 -19.90 22.43
N VAL A 201 -16.82 -20.04 21.54
CA VAL A 201 -17.05 -20.54 20.18
C VAL A 201 -17.46 -22.02 20.22
N ARG A 202 -16.92 -22.76 21.19
CA ARG A 202 -17.30 -24.15 21.42
C ARG A 202 -18.76 -24.27 21.85
N GLU A 203 -19.26 -23.25 22.54
CA GLU A 203 -20.67 -23.21 22.94
C GLU A 203 -21.59 -22.90 21.74
N SER A 204 -21.60 -23.81 20.77
CA SER A 204 -22.42 -23.69 19.57
C SER A 204 -22.79 -25.09 19.05
N PRO B 23 -22.37 -5.90 -32.96
CA PRO B 23 -21.31 -5.41 -33.84
C PRO B 23 -21.28 -3.87 -33.89
N MET B 24 -20.13 -3.30 -33.55
CA MET B 24 -19.98 -1.84 -33.54
C MET B 24 -18.54 -1.39 -33.81
N GLU B 25 -18.40 -0.10 -34.09
CA GLU B 25 -17.12 0.50 -34.42
C GLU B 25 -17.01 1.86 -33.72
N ILE B 26 -15.87 2.08 -33.06
CA ILE B 26 -15.56 3.38 -32.46
C ILE B 26 -14.30 3.99 -33.07
N SER B 27 -14.11 5.28 -32.85
CA SER B 27 -12.91 5.98 -33.30
C SER B 27 -12.20 6.62 -32.11
N GLY B 28 -10.90 6.81 -32.26
CA GLY B 28 -10.08 7.43 -31.22
C GLY B 28 -8.97 8.27 -31.82
N THR B 29 -8.77 9.46 -31.26
CA THR B 29 -7.69 10.34 -31.72
C THR B 29 -6.72 10.65 -30.60
N HIS B 30 -5.43 10.49 -30.88
CA HIS B 30 -4.38 10.91 -29.97
C HIS B 30 -3.83 12.25 -30.44
N THR B 31 -3.21 12.99 -29.52
CA THR B 31 -2.61 14.27 -29.84
C THR B 31 -1.15 14.28 -29.43
N GLU B 32 -0.27 14.41 -30.42
CA GLU B 32 1.17 14.54 -30.18
C GLU B 32 1.53 16.01 -30.05
N ILE B 33 2.16 16.36 -28.93
CA ILE B 33 2.61 17.75 -28.70
C ILE B 33 4.13 17.84 -28.70
N ASN B 34 4.65 19.06 -28.85
CA ASN B 34 6.08 19.30 -28.75
C ASN B 34 6.47 19.83 -27.36
N LEU B 35 7.77 20.10 -27.18
CA LEU B 35 8.30 20.54 -25.89
C LEU B 35 7.72 21.85 -25.40
N ASP B 36 7.64 22.85 -26.29
CA ASP B 36 7.09 24.16 -25.96
C ASP B 36 5.64 24.10 -25.50
N ASN B 37 4.87 23.20 -26.12
CA ASN B 37 3.48 22.96 -25.76
C ASN B 37 3.34 22.41 -24.35
N ALA B 38 4.21 21.45 -24.01
CA ALA B 38 4.23 20.84 -22.68
C ALA B 38 4.65 21.86 -21.60
N ILE B 39 5.56 22.76 -21.97
CA ILE B 39 6.00 23.86 -21.09
C ILE B 39 4.83 24.76 -20.69
N ASP B 40 4.03 25.16 -21.68
CA ASP B 40 2.85 26.00 -21.46
C ASP B 40 1.82 25.33 -20.55
N MET B 41 1.65 24.02 -20.72
CA MET B 41 0.75 23.23 -19.89
C MET B 41 1.23 23.16 -18.44
N ILE B 42 2.55 23.04 -18.27
CA ILE B 42 3.16 23.05 -16.94
C ILE B 42 3.04 24.44 -16.32
N ARG B 43 3.28 25.47 -17.12
CA ARG B 43 3.18 26.87 -16.70
C ARG B 43 1.78 27.22 -16.19
N GLU B 44 0.75 26.79 -16.92
CA GLU B 44 -0.64 27.11 -16.60
C GLU B 44 -1.14 26.35 -15.37
N ALA B 45 -0.62 25.14 -15.15
CA ALA B 45 -1.06 24.28 -14.05
C ALA B 45 -0.54 24.73 -12.70
N ASN B 46 -1.40 24.65 -11.68
CA ASN B 46 -1.04 24.96 -10.31
C ASN B 46 -0.74 23.70 -9.50
N SER B 47 -1.50 22.63 -9.78
CA SER B 47 -1.28 21.33 -9.14
C SER B 47 -0.82 20.29 -10.16
N ILE B 48 0.32 19.66 -9.89
CA ILE B 48 0.91 18.67 -10.79
C ILE B 48 1.19 17.36 -10.07
N ILE B 49 0.69 16.26 -10.62
CA ILE B 49 1.03 14.92 -10.16
C ILE B 49 1.89 14.22 -11.21
N ILE B 50 2.94 13.55 -10.75
CA ILE B 50 3.82 12.79 -11.63
C ILE B 50 3.70 11.31 -11.30
N THR B 51 3.32 10.52 -12.30
CA THR B 51 3.20 9.07 -12.15
C THR B 51 4.33 8.39 -12.92
N PRO B 52 5.46 8.11 -12.26
CA PRO B 52 6.61 7.52 -12.95
C PRO B 52 6.53 6.00 -13.02
N GLY B 53 7.13 5.42 -14.05
CA GLY B 53 7.12 3.98 -14.24
C GLY B 53 8.45 3.43 -14.75
N TYR B 54 8.41 2.21 -15.29
CA TYR B 54 9.61 1.53 -15.77
C TYR B 54 10.42 2.35 -16.78
N GLY B 55 9.72 3.04 -17.68
CA GLY B 55 10.36 3.88 -18.69
C GLY B 55 11.29 4.95 -18.15
N LEU B 56 10.93 5.53 -17.00
CA LEU B 56 11.78 6.51 -16.30
C LEU B 56 13.08 5.85 -15.84
N CYS B 57 12.97 4.65 -15.27
CA CYS B 57 14.10 3.89 -14.76
C CYS B 57 15.07 3.49 -15.87
N ALA B 58 14.52 2.94 -16.96
CA ALA B 58 15.32 2.44 -18.09
C ALA B 58 16.11 3.55 -18.77
N ALA B 59 15.51 4.74 -18.85
CA ALA B 59 16.14 5.89 -19.50
C ALA B 59 17.00 6.72 -18.53
N LYS B 60 16.99 6.33 -17.25
CA LYS B 60 17.74 7.03 -16.19
C LYS B 60 17.26 8.49 -16.03
N ALA B 61 15.95 8.69 -16.14
CA ALA B 61 15.36 10.03 -16.14
C ALA B 61 15.07 10.59 -14.73
N GLN B 62 15.55 9.89 -13.70
CA GLN B 62 15.34 10.29 -12.29
C GLN B 62 15.88 11.69 -12.01
N TYR B 63 17.08 11.96 -12.51
CA TYR B 63 17.83 13.15 -12.16
C TYR B 63 17.31 14.45 -12.79
N PRO B 64 17.06 14.46 -14.12
CA PRO B 64 16.47 15.67 -14.70
C PRO B 64 15.07 15.99 -14.17
N ILE B 65 14.30 14.95 -13.83
CA ILE B 65 12.95 15.12 -13.32
C ILE B 65 12.97 15.68 -11.89
N ALA B 66 13.96 15.27 -11.10
CA ALA B 66 14.14 15.76 -9.73
C ALA B 66 14.41 17.26 -9.69
N ASP B 67 15.22 17.74 -10.65
CA ASP B 67 15.54 19.16 -10.78
C ASP B 67 14.32 19.95 -11.26
N LEU B 68 13.59 19.39 -12.22
CA LEU B 68 12.37 20.00 -12.74
C LEU B 68 11.35 20.24 -11.63
N VAL B 69 11.17 19.24 -10.78
CA VAL B 69 10.25 19.31 -9.64
C VAL B 69 10.67 20.40 -8.65
N LYS B 70 11.97 20.46 -8.33
CA LYS B 70 12.49 21.45 -7.39
C LYS B 70 12.21 22.88 -7.86
N MET B 71 12.53 23.16 -9.13
CA MET B 71 12.30 24.47 -9.72
C MET B 71 10.82 24.86 -9.73
N LEU B 72 9.96 23.89 -10.09
CA LEU B 72 8.52 24.11 -10.14
C LEU B 72 7.93 24.36 -8.76
N THR B 73 8.47 23.66 -7.75
CA THR B 73 8.09 23.87 -6.36
C THR B 73 8.47 25.28 -5.89
N GLU B 74 9.66 25.72 -6.28
CA GLU B 74 10.15 27.08 -5.99
C GLU B 74 9.26 28.14 -6.62
N GLN B 75 8.65 27.81 -7.77
CA GLN B 75 7.74 28.70 -8.47
C GLN B 75 6.35 28.78 -7.83
N GLY B 76 6.13 27.95 -6.81
CA GLY B 76 4.87 27.94 -6.06
C GLY B 76 3.89 26.86 -6.49
N LYS B 77 4.34 25.98 -7.38
CA LYS B 77 3.49 24.89 -7.87
C LYS B 77 3.52 23.70 -6.91
N LYS B 78 2.34 23.12 -6.70
CA LYS B 78 2.19 21.91 -5.89
C LYS B 78 2.53 20.70 -6.75
N VAL B 79 3.76 20.20 -6.60
CA VAL B 79 4.25 19.07 -7.39
C VAL B 79 4.49 17.85 -6.50
N ARG B 80 3.80 16.75 -6.81
CA ARG B 80 3.93 15.51 -6.05
C ARG B 80 4.08 14.31 -6.99
N PHE B 81 4.67 13.22 -6.47
CA PHE B 81 4.79 11.97 -7.20
C PHE B 81 3.74 10.97 -6.72
N GLY B 82 3.07 10.33 -7.67
CA GLY B 82 2.13 9.26 -7.38
C GLY B 82 2.70 7.93 -7.83
N ILE B 83 3.07 7.09 -6.86
CA ILE B 83 3.76 5.83 -7.17
C ILE B 83 2.89 4.60 -6.97
N HIS B 84 2.72 3.85 -8.05
CA HIS B 84 1.99 2.59 -8.04
C HIS B 84 2.81 1.52 -7.30
N PRO B 85 2.13 0.66 -6.51
CA PRO B 85 2.79 -0.47 -5.81
C PRO B 85 3.70 -1.34 -6.68
N VAL B 86 3.32 -1.55 -7.94
CA VAL B 86 4.14 -2.36 -8.86
C VAL B 86 4.68 -1.58 -10.06
N ALA B 87 4.91 -0.28 -9.86
CA ALA B 87 5.60 0.54 -10.86
C ALA B 87 7.05 0.08 -11.01
N GLY B 88 7.56 0.12 -12.23
CA GLY B 88 8.90 -0.39 -12.52
C GLY B 88 8.92 -1.91 -12.59
N ARG B 89 10.07 -2.50 -12.27
CA ARG B 89 10.24 -3.96 -12.35
C ARG B 89 10.57 -4.59 -11.00
N MET B 90 10.83 -3.76 -9.99
CA MET B 90 11.19 -4.24 -8.66
C MET B 90 10.38 -3.53 -7.58
N PRO B 91 10.18 -4.19 -6.42
CA PRO B 91 9.50 -3.57 -5.27
C PRO B 91 10.18 -2.28 -4.81
N GLY B 92 9.45 -1.17 -4.89
CA GLY B 92 9.94 0.14 -4.47
C GLY B 92 11.04 0.72 -5.32
N GLN B 93 11.14 0.27 -6.58
CA GLN B 93 12.19 0.72 -7.51
C GLN B 93 12.15 2.22 -7.76
N LEU B 94 10.94 2.75 -8.00
CA LEU B 94 10.77 4.17 -8.24
C LEU B 94 11.04 5.01 -7.00
N ASN B 95 10.63 4.49 -5.84
CA ASN B 95 10.89 5.15 -4.56
C ASN B 95 12.39 5.34 -4.30
N VAL B 96 13.17 4.31 -4.61
CA VAL B 96 14.62 4.32 -4.41
C VAL B 96 15.31 5.27 -5.40
N LEU B 97 14.97 5.15 -6.67
CA LEU B 97 15.62 5.94 -7.72
C LEU B 97 15.31 7.44 -7.63
N LEU B 98 14.09 7.78 -7.21
CA LEU B 98 13.72 9.18 -7.00
C LEU B 98 14.44 9.77 -5.78
N ALA B 99 14.49 9.01 -4.70
CA ALA B 99 15.20 9.41 -3.48
C ALA B 99 16.70 9.60 -3.73
N GLU B 100 17.27 8.72 -4.55
CA GLU B 100 18.67 8.80 -4.95
C GLU B 100 18.91 10.03 -5.83
N ALA B 101 17.92 10.39 -6.63
CA ALA B 101 17.99 11.57 -7.49
C ALA B 101 17.83 12.86 -6.69
N GLY B 102 17.36 12.74 -5.45
CA GLY B 102 17.25 13.89 -4.55
C GLY B 102 15.83 14.38 -4.32
N VAL B 103 14.84 13.61 -4.78
CA VAL B 103 13.44 13.96 -4.58
C VAL B 103 13.09 13.78 -3.10
N PRO B 104 12.56 14.85 -2.47
CA PRO B 104 12.12 14.80 -1.07
C PRO B 104 11.03 13.75 -0.85
N TYR B 105 11.11 13.03 0.27
CA TYR B 105 10.19 11.94 0.58
C TYR B 105 8.75 12.38 0.79
N ASP B 106 8.56 13.60 1.31
CA ASP B 106 7.23 14.11 1.65
C ASP B 106 6.30 14.32 0.44
N ILE B 107 6.88 14.44 -0.75
CA ILE B 107 6.11 14.60 -1.98
C ILE B 107 6.03 13.30 -2.81
N VAL B 108 6.54 12.21 -2.24
CA VAL B 108 6.47 10.89 -2.85
C VAL B 108 5.39 10.08 -2.15
N LEU B 109 4.24 9.94 -2.80
CA LEU B 109 3.07 9.31 -2.20
C LEU B 109 2.68 8.04 -2.94
N GLU B 110 2.22 7.02 -2.19
CA GLU B 110 1.74 5.78 -2.80
C GLU B 110 0.34 5.99 -3.40
N MET B 111 0.00 5.13 -4.36
CA MET B 111 -1.27 5.20 -5.09
C MET B 111 -2.48 5.40 -4.17
N ASP B 112 -2.64 4.51 -3.19
CA ASP B 112 -3.80 4.50 -2.29
C ASP B 112 -4.01 5.78 -1.48
N GLU B 113 -2.95 6.57 -1.30
CA GLU B 113 -3.06 7.82 -0.54
C GLU B 113 -3.16 9.07 -1.44
N ILE B 114 -2.96 8.87 -2.75
CA ILE B 114 -2.91 9.99 -3.69
C ILE B 114 -4.00 9.91 -4.77
N ASN B 115 -4.58 8.72 -4.95
CA ASN B 115 -5.51 8.45 -6.05
C ASN B 115 -6.76 9.33 -6.06
N HIS B 116 -7.31 9.59 -4.87
CA HIS B 116 -8.53 10.38 -4.72
C HIS B 116 -8.36 11.86 -5.09
N ASP B 117 -7.11 12.30 -5.24
CA ASP B 117 -6.79 13.69 -5.57
C ASP B 117 -6.82 13.99 -7.07
N PHE B 118 -6.82 12.94 -7.90
CA PHE B 118 -6.75 13.10 -9.35
C PHE B 118 -7.83 13.99 -9.98
N PRO B 119 -9.11 13.84 -9.55
CA PRO B 119 -10.15 14.76 -10.04
C PRO B 119 -9.87 16.24 -9.74
N ASP B 120 -9.05 16.52 -8.72
CA ASP B 120 -8.74 17.89 -8.31
C ASP B 120 -7.38 18.39 -8.79
N THR B 121 -6.74 17.62 -9.69
CA THR B 121 -5.40 17.96 -10.18
C THR B 121 -5.46 18.56 -11.58
N ASP B 122 -4.69 19.64 -11.78
CA ASP B 122 -4.65 20.35 -13.06
C ASP B 122 -3.90 19.57 -14.14
N LEU B 123 -2.71 19.06 -13.78
CA LEU B 123 -1.85 18.39 -14.73
C LEU B 123 -1.24 17.12 -14.17
N VAL B 124 -1.25 16.06 -14.98
CA VAL B 124 -0.55 14.82 -14.65
C VAL B 124 0.52 14.55 -15.71
N LEU B 125 1.74 14.33 -15.24
CA LEU B 125 2.84 13.93 -16.10
C LEU B 125 3.08 12.43 -15.96
N VAL B 126 2.71 11.69 -17.00
CA VAL B 126 2.94 10.25 -17.03
C VAL B 126 4.28 10.01 -17.72
N ILE B 127 5.30 9.66 -16.94
CA ILE B 127 6.65 9.51 -17.46
C ILE B 127 7.11 8.06 -17.34
N GLY B 128 7.10 7.38 -18.48
CA GLY B 128 7.53 5.98 -18.56
C GLY B 128 6.62 5.02 -17.81
N ALA B 129 5.40 5.48 -17.53
CA ALA B 129 4.38 4.64 -16.91
C ALA B 129 3.30 4.33 -17.93
N ASN B 130 2.71 3.15 -17.82
CA ASN B 130 1.70 2.69 -18.77
C ASN B 130 0.67 1.79 -18.10
N ASP B 131 1.08 0.56 -17.78
CA ASP B 131 0.23 -0.42 -17.14
C ASP B 131 -0.41 0.12 -15.86
N THR B 132 0.38 0.90 -15.12
CA THR B 132 -0.04 1.43 -13.83
C THR B 132 -1.03 2.59 -13.96
N VAL B 133 -1.20 3.09 -15.17
CA VAL B 133 -2.15 4.17 -15.45
C VAL B 133 -3.15 3.80 -16.56
N ASN B 134 -3.31 2.50 -16.79
CA ASN B 134 -4.17 2.01 -17.88
C ASN B 134 -5.64 1.87 -17.45
N SER B 135 -6.49 2.68 -18.08
CA SER B 135 -7.92 2.74 -17.74
C SER B 135 -8.73 1.52 -18.21
N ALA B 136 -8.14 0.70 -19.07
CA ALA B 136 -8.79 -0.54 -19.52
C ALA B 136 -9.11 -1.48 -18.35
N ALA B 137 -8.35 -1.32 -17.26
CA ALA B 137 -8.59 -2.05 -16.01
C ALA B 137 -9.99 -1.77 -15.45
N GLN B 138 -10.54 -0.60 -15.80
CA GLN B 138 -11.87 -0.19 -15.37
C GLN B 138 -12.89 -0.23 -16.51
N GLU B 139 -12.44 0.16 -17.71
CA GLU B 139 -13.32 0.36 -18.86
C GLU B 139 -13.55 -0.91 -19.68
N ASP B 140 -12.70 -1.91 -19.50
CA ASP B 140 -12.81 -3.17 -20.22
C ASP B 140 -12.94 -4.34 -19.25
N PRO B 141 -14.15 -4.93 -19.16
CA PRO B 141 -14.40 -6.06 -18.26
C PRO B 141 -13.74 -7.37 -18.70
N ASN B 142 -13.39 -7.45 -19.98
CA ASN B 142 -12.74 -8.64 -20.55
C ASN B 142 -11.21 -8.57 -20.51
N SER B 143 -10.68 -7.38 -20.17
CA SER B 143 -9.24 -7.15 -20.12
C SER B 143 -8.54 -8.05 -19.10
N ILE B 144 -7.27 -8.37 -19.38
CA ILE B 144 -6.46 -9.19 -18.47
C ILE B 144 -6.07 -8.43 -17.20
N ILE B 145 -6.16 -7.11 -17.26
CA ILE B 145 -5.86 -6.25 -16.11
C ILE B 145 -7.14 -5.73 -15.43
N ALA B 146 -8.29 -6.24 -15.86
CA ALA B 146 -9.58 -5.84 -15.33
C ALA B 146 -9.67 -6.06 -13.81
N GLY B 147 -10.12 -5.02 -13.11
CA GLY B 147 -10.26 -5.08 -11.65
C GLY B 147 -9.02 -4.68 -10.88
N MET B 148 -7.87 -4.70 -11.56
CA MET B 148 -6.60 -4.31 -10.93
C MET B 148 -6.54 -2.80 -10.75
N PRO B 149 -6.14 -2.34 -9.55
CA PRO B 149 -6.12 -0.90 -9.25
C PRO B 149 -5.05 -0.17 -10.04
N VAL B 150 -5.38 1.05 -10.48
CA VAL B 150 -4.46 1.88 -11.25
C VAL B 150 -4.50 3.33 -10.74
N LEU B 151 -3.51 4.11 -11.15
CA LEU B 151 -3.53 5.55 -10.91
C LEU B 151 -4.48 6.18 -11.93
N GLU B 152 -5.52 6.82 -11.41
CA GLU B 152 -6.61 7.34 -12.24
C GLU B 152 -6.28 8.71 -12.81
N VAL B 153 -5.18 8.77 -13.55
CA VAL B 153 -4.61 10.01 -14.08
C VAL B 153 -5.54 10.73 -15.06
N TRP B 154 -6.42 9.97 -15.71
CA TRP B 154 -7.33 10.49 -16.73
C TRP B 154 -8.43 11.38 -16.13
N LYS B 155 -8.71 11.20 -14.85
CA LYS B 155 -9.71 11.99 -14.14
C LYS B 155 -9.28 13.46 -13.95
N SER B 156 -8.01 13.73 -14.19
CA SER B 156 -7.46 15.08 -14.08
C SER B 156 -7.81 15.96 -15.28
N LYS B 157 -7.51 17.26 -15.15
CA LYS B 157 -7.80 18.24 -16.20
C LYS B 157 -7.00 17.98 -17.49
N GLN B 158 -5.69 17.79 -17.33
CA GLN B 158 -4.79 17.55 -18.46
C GLN B 158 -3.78 16.46 -18.13
N VAL B 159 -3.52 15.59 -19.10
CA VAL B 159 -2.53 14.52 -18.96
C VAL B 159 -1.48 14.63 -20.07
N ILE B 160 -0.20 14.59 -19.68
CA ILE B 160 0.89 14.48 -20.65
C ILE B 160 1.59 13.14 -20.45
N VAL B 161 1.56 12.31 -21.49
CA VAL B 161 2.20 10.99 -21.43
C VAL B 161 3.54 11.01 -22.15
N MET B 162 4.60 10.68 -21.40
CA MET B 162 5.96 10.69 -21.91
C MET B 162 6.49 9.27 -22.10
N LYS B 163 6.53 8.85 -23.36
CA LYS B 163 7.07 7.55 -23.75
C LYS B 163 7.51 7.64 -25.22
N ARG B 164 8.08 6.58 -25.75
CA ARG B 164 8.65 6.61 -27.10
C ARG B 164 7.60 6.43 -28.20
N SER B 165 6.52 5.72 -27.87
CA SER B 165 5.50 5.38 -28.86
C SER B 165 4.10 5.26 -28.27
N LEU B 166 3.17 4.77 -29.08
CA LEU B 166 1.79 4.50 -28.67
C LEU B 166 1.64 3.05 -28.21
N GLY B 167 2.79 2.38 -28.05
CA GLY B 167 2.84 0.95 -27.78
C GLY B 167 2.60 0.49 -26.36
N VAL B 168 2.70 -0.82 -26.16
CA VAL B 168 2.30 -1.47 -24.91
C VAL B 168 3.36 -1.40 -23.81
N GLY B 169 2.99 -1.89 -22.63
CA GLY B 169 3.92 -2.10 -21.53
C GLY B 169 4.07 -3.58 -21.21
N TYR B 170 4.46 -3.87 -19.98
CA TYR B 170 4.70 -5.24 -19.53
C TYR B 170 3.47 -6.14 -19.72
N ALA B 171 2.29 -5.63 -19.36
CA ALA B 171 1.04 -6.37 -19.48
C ALA B 171 0.63 -6.64 -20.93
N ALA B 172 1.23 -5.89 -21.86
CA ALA B 172 1.03 -6.08 -23.30
C ALA B 172 -0.41 -5.82 -23.76
N VAL B 173 -1.02 -4.78 -23.19
CA VAL B 173 -2.37 -4.37 -23.58
C VAL B 173 -2.41 -2.88 -23.92
N ASP B 174 -3.25 -2.52 -24.88
CA ASP B 174 -3.41 -1.12 -25.29
C ASP B 174 -3.89 -0.26 -24.12
N ASN B 175 -3.48 1.01 -24.13
CA ASN B 175 -3.89 1.94 -23.10
C ASN B 175 -4.83 3.01 -23.68
N PRO B 176 -6.14 2.91 -23.37
CA PRO B 176 -7.17 3.85 -23.83
C PRO B 176 -6.85 5.32 -23.55
N ILE B 177 -6.09 5.59 -22.48
CA ILE B 177 -5.78 6.98 -22.10
C ILE B 177 -5.04 7.76 -23.19
N PHE B 178 -4.30 7.05 -24.05
CA PHE B 178 -3.60 7.70 -25.17
C PHE B 178 -4.56 8.39 -26.12
N TYR B 179 -5.83 7.99 -26.08
CA TYR B 179 -6.84 8.47 -27.03
C TYR B 179 -7.97 9.26 -26.36
N LYS B 180 -7.77 9.59 -25.08
CA LYS B 180 -8.73 10.41 -24.33
C LYS B 180 -8.55 11.88 -24.67
N PRO B 181 -9.65 12.66 -24.66
CA PRO B 181 -9.61 14.07 -25.06
C PRO B 181 -8.68 14.95 -24.23
N ASN B 182 -8.39 14.53 -22.99
CA ASN B 182 -7.53 15.30 -22.10
C ASN B 182 -6.11 14.73 -21.97
N THR B 183 -5.70 13.93 -22.96
CA THR B 183 -4.36 13.36 -22.98
C THR B 183 -3.54 13.88 -24.16
N ALA B 184 -2.32 14.33 -23.85
CA ALA B 184 -1.35 14.71 -24.89
C ALA B 184 -0.16 13.78 -24.84
N MET B 185 0.31 13.37 -26.02
CA MET B 185 1.51 12.54 -26.14
C MET B 185 2.73 13.41 -26.36
N LEU B 186 3.71 13.27 -25.46
CA LEU B 186 5.02 13.89 -25.64
C LEU B 186 6.01 12.76 -25.92
N LEU B 187 6.17 12.45 -27.20
CA LEU B 187 6.89 11.25 -27.61
C LEU B 187 8.40 11.42 -27.66
N GLY B 188 9.11 10.36 -27.25
CA GLY B 188 10.57 10.35 -27.22
C GLY B 188 11.10 9.66 -25.97
N ASP B 189 12.41 9.44 -25.94
CA ASP B 189 13.08 8.88 -24.76
C ASP B 189 12.82 9.78 -23.55
N ALA B 190 12.60 9.14 -22.39
CA ALA B 190 12.24 9.85 -21.17
C ALA B 190 13.32 10.82 -20.69
N LYS B 191 14.58 10.39 -20.77
CA LYS B 191 15.70 11.25 -20.36
C LYS B 191 15.86 12.45 -21.29
N LYS B 192 15.86 12.20 -22.59
CA LYS B 192 15.97 13.25 -23.60
C LYS B 192 14.86 14.30 -23.44
N THR B 193 13.65 13.83 -23.18
CA THR B 193 12.49 14.69 -22.96
C THR B 193 12.59 15.45 -21.64
N CYS B 194 12.90 14.74 -20.56
CA CYS B 194 13.02 15.35 -19.23
C CYS B 194 14.20 16.31 -19.10
N ASP B 195 15.28 16.03 -19.83
CA ASP B 195 16.43 16.93 -19.92
C ASP B 195 16.05 18.24 -20.59
N ALA B 196 15.25 18.15 -21.65
CA ALA B 196 14.81 19.32 -22.42
C ALA B 196 13.82 20.18 -21.62
N LEU B 197 12.89 19.52 -20.93
CA LEU B 197 11.94 20.20 -20.05
C LEU B 197 12.65 20.90 -18.92
N GLN B 198 13.69 20.26 -18.39
CA GLN B 198 14.56 20.83 -17.36
C GLN B 198 15.23 22.10 -17.85
N ALA B 199 15.83 22.04 -19.03
CA ALA B 199 16.60 23.15 -19.61
C ALA B 199 15.73 24.36 -19.95
N LYS B 200 14.52 24.13 -20.43
CA LYS B 200 13.60 25.20 -20.79
C LYS B 200 12.93 25.85 -19.57
N VAL B 201 12.59 25.02 -18.58
CA VAL B 201 12.08 25.52 -17.30
C VAL B 201 13.20 26.17 -16.48
N ARG B 202 14.45 25.81 -16.80
CA ARG B 202 15.63 26.41 -16.17
C ARG B 202 15.82 27.87 -16.57
N GLU B 203 15.68 28.15 -17.86
CA GLU B 203 15.88 29.51 -18.39
C GLU B 203 14.60 30.34 -18.29
N SER B 204 14.02 30.40 -17.10
CA SER B 204 12.80 31.15 -16.83
C SER B 204 12.74 31.64 -15.38
#